data_7BB9
#
_entry.id   7BB9
#
_cell.length_a   96.250
_cell.length_b   96.250
_cell.length_c   84.170
_cell.angle_alpha   90.000
_cell.angle_beta   90.000
_cell.angle_gamma   90.000
#
_symmetry.space_group_name_H-M   'P 4 21 2'
#
loop_
_entity.id
_entity.type
_entity.pdbx_description
1 polymer 'Lugdulysin E242Q Y315F'
2 non-polymer 'CALCIUM ION'
3 non-polymer 'ZINC ION'
4 water water
#
_entity_poly.entity_id   1
_entity_poly.type   'polypeptide(L)'
_entity_poly.pdbx_seq_one_letter_code
;ASYVVNNENIDKDGRQAYTGSYNRAALKQQTVKQMGPQNREAFKEDKLFKAPKNKQPIRKSENRSQNGGKQYSLNDQRTF
TTIDNRTNQDEQTTATLKYDGKKAQVWVADQYITDKQAQNIGREFDERIDPLIENNFGEPSDVDNNGKVNILVYDIKDNY
DQTGTYIGGYFHPRDLYNVRGSNHSEIFYMDTYPSMGTDRQHLNESQIYSTLAHQYQHMVNANENLFKEQSQEEMDPWLN
EALSMASEQMYLNAPLNSRIDYYNNSKSIAYGHSLIRWDEQGDTLSNFSLSYLFIEYLKKQSDNGEQVFKELINDPGDTN
TALQNAIHEHVDPNLSLSKFMTNFRIALVKKENSGPYGFKGDADFNNVHPQPISQIPETLAPQGSVLFQTNQDFNVPNDK
DEDISYNKVN
;
_entity_poly.pdbx_strand_id   A
#
# COMPACT_ATOMS: atom_id res chain seq x y z
N ALA A 1 -0.45 -20.20 28.38
CA ALA A 1 0.50 -19.61 27.46
C ALA A 1 -0.21 -18.73 26.42
N SER A 2 0.49 -18.43 25.33
CA SER A 2 -0.08 -17.64 24.25
C SER A 2 0.14 -18.35 22.93
N TYR A 3 -0.76 -18.11 21.98
CA TYR A 3 -0.70 -18.74 20.66
C TYR A 3 -0.96 -17.71 19.56
N VAL A 4 -0.12 -17.75 18.53
CA VAL A 4 -0.42 -17.09 17.28
C VAL A 4 -1.01 -18.13 16.34
N VAL A 5 -2.25 -17.91 15.90
CA VAL A 5 -2.89 -18.76 14.90
C VAL A 5 -2.81 -18.05 13.56
N ASN A 6 -2.47 -18.80 12.50
CA ASN A 6 -2.33 -18.21 11.17
C ASN A 6 -2.79 -19.21 10.12
N ASN A 7 -3.55 -18.72 9.15
CA ASN A 7 -3.80 -19.50 7.94
C ASN A 7 -2.57 -19.32 7.04
N GLU A 8 -1.84 -20.40 6.82
CA GLU A 8 -0.58 -20.35 6.07
C GLU A 8 -0.75 -20.40 4.56
N ASN A 9 -1.97 -20.60 4.07
CA ASN A 9 -2.23 -20.59 2.63
C ASN A 9 -1.74 -19.27 2.04
N ILE A 10 -0.91 -19.35 1.00
CA ILE A 10 -0.35 -18.15 0.38
C ILE A 10 -1.15 -17.74 -0.84
N ASP A 11 -2.31 -18.34 -1.08
CA ASP A 11 -3.18 -17.99 -2.18
C ASP A 11 -4.24 -17.01 -1.67
N LYS A 12 -4.15 -15.75 -2.08
CA LYS A 12 -5.08 -14.76 -1.58
C LYS A 12 -6.52 -15.06 -1.97
N ASP A 13 -6.73 -15.87 -3.00
CA ASP A 13 -8.07 -16.24 -3.44
C ASP A 13 -8.57 -17.53 -2.78
N GLY A 14 -7.86 -18.06 -1.79
CA GLY A 14 -8.21 -19.34 -1.20
C GLY A 14 -9.41 -19.28 -0.25
N ARG A 15 -9.82 -20.45 0.22
CA ARG A 15 -10.97 -20.52 1.11
C ARG A 15 -10.60 -20.02 2.50
N GLN A 16 -11.60 -19.47 3.18
CA GLN A 16 -11.49 -19.27 4.62
C GLN A 16 -11.52 -20.64 5.29
N ALA A 17 -10.52 -20.93 6.11
CA ALA A 17 -10.26 -22.28 6.60
C ALA A 17 -10.66 -22.44 8.06
N TYR A 18 -11.19 -23.61 8.38
CA TYR A 18 -11.71 -23.90 9.72
C TYR A 18 -10.58 -24.02 10.71
N THR A 19 -10.72 -23.36 11.87
CA THR A 19 -9.68 -23.32 12.88
C THR A 19 -9.74 -24.48 13.87
N GLY A 20 -10.80 -25.28 13.85
CA GLY A 20 -10.90 -26.46 14.70
C GLY A 20 -11.90 -26.27 15.83
N SER A 21 -12.23 -27.40 16.45
CA SER A 21 -13.10 -27.43 17.63
C SER A 21 -12.21 -27.41 18.86
N TYR A 22 -12.02 -26.23 19.43
CA TYR A 22 -11.08 -26.05 20.53
C TYR A 22 -11.84 -25.85 21.84
N ASN A 23 -11.07 -25.85 22.92
CA ASN A 23 -11.60 -25.71 24.27
C ASN A 23 -11.44 -24.27 24.72
N ARG A 24 -12.54 -23.61 25.07
CA ARG A 24 -12.44 -22.31 25.73
C ARG A 24 -11.62 -22.42 27.00
N ALA A 25 -10.31 -22.57 26.83
CA ALA A 25 -9.31 -22.43 27.87
C ALA A 25 -8.55 -21.11 27.67
N ALA A 26 -9.27 -20.09 27.20
CA ALA A 26 -8.71 -18.78 26.87
C ALA A 26 -8.95 -17.78 28.00
N LEU A 27 -8.06 -16.80 28.09
CA LEU A 27 -8.29 -15.63 28.94
C LEU A 27 -9.27 -14.68 28.28
N LYS A 28 -10.00 -13.93 29.11
CA LYS A 28 -11.14 -13.15 28.61
C LYS A 28 -10.72 -11.85 27.94
N GLN A 29 -9.53 -11.33 28.22
CA GLN A 29 -9.05 -10.10 27.58
C GLN A 29 -9.98 -8.89 27.73
N MET A 35 -6.74 3.67 23.60
CA MET A 35 -7.99 3.46 22.89
C MET A 35 -8.29 4.58 21.88
N GLY A 36 -8.70 4.20 20.67
CA GLY A 36 -9.04 5.12 19.62
C GLY A 36 -7.84 5.61 18.84
N PRO A 37 -7.88 5.43 17.51
CA PRO A 37 -6.77 5.93 16.68
C PRO A 37 -6.71 7.45 16.74
N GLN A 38 -5.57 7.96 17.21
CA GLN A 38 -5.44 9.40 17.47
C GLN A 38 -5.49 10.21 16.18
N ASN A 39 -4.53 9.99 15.29
CA ASN A 39 -4.35 10.88 14.14
C ASN A 39 -5.48 10.73 13.14
N ARG A 40 -5.97 11.87 12.63
CA ARG A 40 -6.92 11.82 11.53
C ARG A 40 -6.31 11.15 10.31
N GLU A 41 -4.98 11.20 10.17
CA GLU A 41 -4.31 10.58 9.04
C GLU A 41 -4.29 9.07 9.14
N ALA A 42 -4.73 8.51 10.27
CA ALA A 42 -4.85 7.06 10.39
C ALA A 42 -6.00 6.54 9.54
N PHE A 43 -6.90 7.42 9.10
CA PHE A 43 -8.03 7.04 8.26
C PHE A 43 -7.84 7.50 6.82
N LYS A 44 -6.57 7.64 6.42
CA LYS A 44 -6.22 8.04 5.07
C LYS A 44 -6.02 6.80 4.22
N GLU A 45 -6.84 6.64 3.18
CA GLU A 45 -6.75 5.58 2.18
C GLU A 45 -6.19 6.12 0.87
N ASP A 46 -6.04 5.20 -0.08
CA ASP A 46 -5.89 5.53 -1.48
C ASP A 46 -6.39 4.32 -2.27
N LYS A 47 -6.47 4.48 -3.59
CA LYS A 47 -6.99 3.44 -4.48
C LYS A 47 -5.93 3.14 -5.52
N LEU A 48 -5.61 1.86 -5.65
CA LEU A 48 -4.79 1.33 -6.74
C LEU A 48 -5.72 0.49 -7.59
N PHE A 49 -5.99 0.95 -8.80
CA PHE A 49 -6.90 0.24 -9.67
C PHE A 49 -6.13 -0.77 -10.52
N LYS A 50 -6.87 -1.74 -11.06
CA LYS A 50 -6.30 -2.86 -11.80
C LYS A 50 -6.12 -2.48 -13.27
N ALA A 51 -5.04 -2.96 -13.87
CA ALA A 51 -4.82 -2.70 -15.29
C ALA A 51 -5.94 -3.36 -16.11
N PRO A 52 -6.39 -2.75 -17.21
CA PRO A 52 -7.40 -3.39 -18.04
C PRO A 52 -6.81 -4.59 -18.77
N LYS A 53 -7.66 -5.59 -19.03
CA LYS A 53 -7.21 -6.70 -19.87
C LYS A 53 -7.05 -6.27 -21.31
N ASN A 54 -7.81 -5.26 -21.72
CA ASN A 54 -7.69 -4.66 -23.05
C ASN A 54 -6.52 -3.70 -23.00
N LYS A 55 -5.36 -4.14 -23.46
CA LYS A 55 -4.15 -3.33 -23.40
C LYS A 55 -3.85 -2.70 -24.74
N GLN A 56 -4.88 -2.20 -25.40
CA GLN A 56 -4.77 -1.46 -26.64
C GLN A 56 -3.73 -0.34 -26.47
N PRO A 57 -2.67 -0.32 -27.28
CA PRO A 57 -1.63 0.69 -27.11
C PRO A 57 -2.03 2.06 -27.63
N ILE A 58 -1.43 3.07 -27.03
CA ILE A 58 -1.59 4.45 -27.48
C ILE A 58 -0.65 4.68 -28.65
N ARG A 59 -1.12 5.41 -29.66
CA ARG A 59 -0.30 5.74 -30.82
C ARG A 59 -0.22 7.26 -30.95
N LYS A 60 1.01 7.78 -31.02
CA LYS A 60 1.26 9.19 -31.26
C LYS A 60 2.32 9.33 -32.35
N SER A 61 2.41 10.52 -32.91
CA SER A 61 3.42 10.79 -33.95
C SER A 61 3.97 12.22 -33.81
N GLY A 68 7.88 16.23 -29.52
CA GLY A 68 6.83 15.31 -29.88
C GLY A 68 5.82 15.17 -28.79
N GLY A 69 5.62 16.24 -28.05
CA GLY A 69 4.69 16.36 -26.95
C GLY A 69 4.86 17.74 -26.34
N LYS A 70 4.77 18.77 -27.18
CA LYS A 70 4.87 20.13 -26.68
C LYS A 70 3.48 20.75 -26.75
N GLN A 71 2.48 19.95 -26.47
CA GLN A 71 1.14 20.38 -26.52
C GLN A 71 0.85 21.44 -25.45
N TYR A 72 0.87 21.03 -24.21
CA TYR A 72 0.54 21.91 -23.13
C TYR A 72 1.67 22.70 -22.49
N SER A 73 1.36 23.91 -22.08
CA SER A 73 2.27 24.81 -21.37
C SER A 73 1.55 25.55 -20.22
N LEU A 74 2.26 26.43 -19.53
CA LEU A 74 1.68 27.08 -18.35
C LEU A 74 0.34 27.73 -18.66
N ASN A 75 -0.65 27.46 -17.81
CA ASN A 75 -1.99 28.06 -17.85
C ASN A 75 -2.88 27.50 -18.97
N ASP A 76 -2.41 26.52 -19.74
CA ASP A 76 -3.33 25.79 -20.61
C ASP A 76 -4.33 25.01 -19.77
N GLN A 77 -5.53 24.84 -20.31
CA GLN A 77 -6.54 24.00 -19.69
C GLN A 77 -6.59 22.63 -20.38
N ARG A 78 -6.95 21.61 -19.58
CA ARG A 78 -7.08 20.25 -20.08
C ARG A 78 -8.16 19.56 -19.26
N THR A 79 -9.12 18.95 -19.94
CA THR A 79 -10.16 18.17 -19.30
C THR A 79 -9.71 16.72 -19.17
N PHE A 80 -9.64 16.22 -17.94
CA PHE A 80 -9.23 14.87 -17.60
C PHE A 80 -10.41 14.04 -17.10
N THR A 81 -10.36 12.73 -17.38
CA THR A 81 -11.21 11.77 -16.68
C THR A 81 -10.68 11.54 -15.27
N THR A 82 -11.54 11.72 -14.28
CA THR A 82 -11.23 11.40 -12.88
C THR A 82 -12.28 10.41 -12.39
N ILE A 83 -12.11 9.90 -11.17
CA ILE A 83 -12.95 8.81 -10.68
C ILE A 83 -13.63 9.24 -9.39
N ASP A 84 -14.96 9.29 -9.42
CA ASP A 84 -15.78 9.52 -8.24
C ASP A 84 -15.78 8.24 -7.39
N ASN A 85 -15.09 8.27 -6.24
CA ASN A 85 -15.01 7.05 -5.44
C ASN A 85 -16.21 6.87 -4.53
N ARG A 86 -17.11 7.83 -4.48
CA ARG A 86 -18.39 7.60 -3.83
C ARG A 86 -19.20 6.58 -4.61
N THR A 87 -19.36 6.80 -5.92
CA THR A 87 -20.17 5.94 -6.79
C THR A 87 -19.34 5.05 -7.70
N ASN A 88 -18.02 5.21 -7.74
CA ASN A 88 -17.12 4.49 -8.65
C ASN A 88 -17.49 4.70 -10.11
N GLN A 89 -17.79 5.94 -10.47
CA GLN A 89 -18.02 6.31 -11.86
C GLN A 89 -16.87 7.18 -12.37
N ASP A 90 -16.69 7.17 -13.67
CA ASP A 90 -15.85 8.20 -14.28
C ASP A 90 -16.54 9.55 -14.14
N GLU A 91 -15.72 10.59 -13.95
CA GLU A 91 -16.16 11.97 -13.98
C GLU A 91 -15.20 12.72 -14.88
N GLN A 92 -15.50 13.98 -15.12
CA GLN A 92 -14.67 14.79 -16.00
C GLN A 92 -14.27 16.06 -15.27
N THR A 93 -12.98 16.35 -15.26
CA THR A 93 -12.44 17.45 -14.48
C THR A 93 -11.53 18.27 -15.36
N THR A 94 -11.72 19.59 -15.32
CA THR A 94 -10.97 20.53 -16.15
C THR A 94 -9.95 21.22 -15.27
N ALA A 95 -8.67 21.08 -15.62
CA ALA A 95 -7.60 21.60 -14.79
C ALA A 95 -6.75 22.60 -15.58
N THR A 96 -5.88 23.30 -14.85
CA THR A 96 -4.94 24.24 -15.43
C THR A 96 -3.52 23.81 -15.06
N LEU A 97 -2.65 23.72 -16.07
CA LEU A 97 -1.24 23.49 -15.83
C LEU A 97 -0.63 24.69 -15.07
N LYS A 98 -0.17 24.44 -13.85
CA LYS A 98 0.39 25.50 -13.01
C LYS A 98 1.86 25.30 -12.69
N TYR A 99 2.49 24.22 -13.14
CA TYR A 99 3.92 24.01 -12.95
C TYR A 99 4.37 23.11 -14.08
N ASP A 100 5.30 23.59 -14.89
CA ASP A 100 5.79 22.84 -16.04
C ASP A 100 7.29 22.63 -15.85
N GLY A 101 7.63 21.62 -15.05
CA GLY A 101 8.98 21.46 -14.53
C GLY A 101 9.82 20.47 -15.31
N LYS A 102 10.85 19.95 -14.64
CA LYS A 102 11.81 19.08 -15.31
C LYS A 102 11.21 17.71 -15.56
N LYS A 103 10.38 17.23 -14.62
CA LYS A 103 9.73 15.93 -14.77
C LYS A 103 8.24 16.00 -14.51
N ALA A 104 7.82 16.85 -13.57
CA ALA A 104 6.41 16.90 -13.19
C ALA A 104 5.70 18.03 -13.91
N GLN A 105 4.50 17.75 -14.38
CA GLN A 105 3.54 18.78 -14.76
C GLN A 105 2.38 18.74 -13.76
N VAL A 106 2.22 19.81 -13.01
CA VAL A 106 1.21 19.86 -11.95
C VAL A 106 -0.02 20.58 -12.47
N TRP A 107 -1.13 19.84 -12.57
CA TRP A 107 -2.44 20.33 -13.00
C TRP A 107 -3.32 20.60 -11.80
N VAL A 108 -4.02 21.73 -11.81
CA VAL A 108 -4.84 22.15 -10.68
C VAL A 108 -6.28 22.28 -11.13
N ALA A 109 -7.20 21.64 -10.39
CA ALA A 109 -8.63 21.73 -10.64
C ALA A 109 -9.43 21.93 -9.36
N ASP A 110 -8.80 22.49 -8.34
CA ASP A 110 -9.49 22.93 -7.12
C ASP A 110 -9.27 24.43 -7.00
N GLN A 111 -10.37 25.21 -7.05
CA GLN A 111 -10.25 26.66 -6.98
C GLN A 111 -9.56 27.15 -5.71
N TYR A 112 -9.49 26.30 -4.68
CA TYR A 112 -8.85 26.71 -3.44
C TYR A 112 -7.34 26.62 -3.49
N ILE A 113 -6.74 26.05 -4.54
CA ILE A 113 -5.28 25.84 -4.56
C ILE A 113 -4.63 27.01 -5.29
N THR A 114 -3.58 27.56 -4.69
CA THR A 114 -2.90 28.71 -5.28
C THR A 114 -1.73 28.24 -6.17
N ASP A 115 -1.28 29.15 -7.03
CA ASP A 115 -0.17 28.80 -7.92
C ASP A 115 1.07 28.43 -7.12
N LYS A 116 1.31 29.12 -5.99
CA LYS A 116 2.45 28.78 -5.15
C LYS A 116 2.43 27.32 -4.73
N GLN A 117 1.25 26.80 -4.35
CA GLN A 117 1.19 25.44 -3.84
C GLN A 117 1.49 24.43 -4.94
N ALA A 118 0.99 24.71 -6.14
CA ALA A 118 1.31 23.88 -7.30
C ALA A 118 2.81 23.88 -7.57
N GLN A 119 3.46 25.03 -7.40
CA GLN A 119 4.90 25.11 -7.64
C GLN A 119 5.68 24.39 -6.56
N ASN A 120 5.21 24.45 -5.31
CA ASN A 120 5.85 23.69 -4.24
C ASN A 120 5.78 22.19 -4.53
N ILE A 121 4.60 21.71 -4.92
CA ILE A 121 4.41 20.30 -5.22
C ILE A 121 5.31 19.86 -6.36
N GLY A 122 5.30 20.60 -7.47
CA GLY A 122 6.13 20.21 -8.59
C GLY A 122 7.61 20.21 -8.28
N ARG A 123 8.07 21.22 -7.54
CA ARG A 123 9.48 21.31 -7.18
C ARG A 123 9.87 20.18 -6.24
N GLU A 124 9.03 19.88 -5.26
CA GLU A 124 9.29 18.76 -4.36
C GLU A 124 9.36 17.46 -5.15
N PHE A 125 8.49 17.31 -6.15
CA PHE A 125 8.58 16.14 -7.02
C PHE A 125 9.88 16.14 -7.81
N ASP A 126 10.20 17.25 -8.47
CA ASP A 126 11.37 17.30 -9.33
C ASP A 126 12.67 17.05 -8.56
N GLU A 127 12.77 17.60 -7.35
CA GLU A 127 14.01 17.59 -6.60
C GLU A 127 14.16 16.39 -5.70
N ARG A 128 13.07 15.82 -5.17
CA ARG A 128 13.20 14.77 -4.17
C ARG A 128 12.38 13.52 -4.47
N ILE A 129 11.12 13.67 -4.85
CA ILE A 129 10.27 12.50 -5.06
C ILE A 129 10.78 11.67 -6.23
N ASP A 130 11.03 12.32 -7.36
CA ASP A 130 11.42 11.57 -8.54
C ASP A 130 12.74 10.82 -8.36
N PRO A 131 13.84 11.46 -7.96
CA PRO A 131 15.09 10.68 -7.75
C PRO A 131 14.91 9.55 -6.75
N LEU A 132 14.24 9.83 -5.63
CA LEU A 132 13.97 8.81 -4.62
C LEU A 132 13.34 7.55 -5.22
N ILE A 133 12.31 7.73 -6.05
CA ILE A 133 11.58 6.57 -6.58
C ILE A 133 12.37 5.91 -7.70
N GLU A 134 13.00 6.72 -8.56
CA GLU A 134 13.72 6.16 -9.69
C GLU A 134 14.89 5.33 -9.21
N ASN A 135 15.56 5.76 -8.14
CA ASN A 135 16.75 5.07 -7.68
C ASN A 135 16.45 3.88 -6.78
N ASN A 136 15.25 3.79 -6.22
CA ASN A 136 14.96 2.76 -5.24
C ASN A 136 13.83 1.83 -5.61
N PHE A 137 13.06 2.12 -6.65
CA PHE A 137 11.87 1.33 -6.99
C PHE A 137 11.81 1.05 -8.48
N GLY A 138 11.79 2.09 -9.30
CA GLY A 138 11.66 1.90 -10.72
C GLY A 138 11.46 3.24 -11.40
N GLU A 139 11.23 3.18 -12.70
CA GLU A 139 11.09 4.38 -13.50
C GLU A 139 9.77 4.34 -14.29
N PRO A 140 9.25 5.51 -14.65
CA PRO A 140 7.92 5.55 -15.28
C PRO A 140 7.98 5.20 -16.76
N SER A 141 6.80 4.94 -17.33
CA SER A 141 6.64 4.88 -18.78
C SER A 141 6.61 6.28 -19.38
N ASP A 142 6.50 6.37 -20.71
CA ASP A 142 6.30 7.66 -21.39
C ASP A 142 5.42 7.42 -22.60
N VAL A 143 4.18 7.00 -22.35
CA VAL A 143 3.27 6.63 -23.43
C VAL A 143 2.90 7.82 -24.30
N ASP A 144 3.07 9.04 -23.81
CA ASP A 144 2.80 10.21 -24.63
C ASP A 144 4.08 10.87 -25.12
N ASN A 145 5.25 10.25 -24.90
CA ASN A 145 6.52 10.75 -25.40
CA ASN A 145 6.54 10.75 -25.37
C ASN A 145 6.69 12.24 -25.13
N ASN A 146 6.46 12.65 -23.88
CA ASN A 146 6.68 14.04 -23.50
C ASN A 146 7.71 14.20 -22.40
N GLY A 147 8.37 13.12 -21.99
CA GLY A 147 9.38 13.19 -20.95
C GLY A 147 8.90 13.56 -19.56
N LYS A 148 7.61 13.69 -19.33
CA LYS A 148 7.12 14.19 -18.04
C LYS A 148 5.96 13.33 -17.53
N VAL A 149 5.55 13.56 -16.27
CA VAL A 149 4.37 12.89 -15.72
C VAL A 149 3.43 13.94 -15.16
N ASN A 150 2.13 13.67 -15.28
CA ASN A 150 1.11 14.60 -14.82
C ASN A 150 0.75 14.32 -13.37
N ILE A 151 0.62 15.38 -12.58
CA ILE A 151 0.10 15.28 -11.23
C ILE A 151 -1.15 16.18 -11.19
N LEU A 152 -2.32 15.55 -11.09
CA LEU A 152 -3.58 16.29 -11.14
C LEU A 152 -4.03 16.50 -9.70
N VAL A 153 -4.00 17.76 -9.27
CA VAL A 153 -4.27 18.13 -7.89
C VAL A 153 -5.69 18.69 -7.82
N TYR A 154 -6.58 18.02 -7.09
CA TYR A 154 -7.99 18.39 -7.09
C TYR A 154 -8.66 17.69 -5.91
N ASP A 155 -9.93 18.02 -5.69
CA ASP A 155 -10.70 17.42 -4.59
C ASP A 155 -11.24 16.09 -5.04
N ILE A 156 -10.54 15.01 -4.68
CA ILE A 156 -11.02 13.68 -4.99
C ILE A 156 -12.33 13.43 -4.24
N LYS A 157 -13.32 12.92 -4.96
CA LYS A 157 -14.64 12.64 -4.39
C LYS A 157 -14.65 11.27 -3.73
N ASP A 158 -15.20 11.21 -2.53
CA ASP A 158 -15.18 9.99 -1.72
C ASP A 158 -16.30 10.12 -0.68
N ASN A 159 -16.28 9.25 0.34
CA ASN A 159 -17.27 9.25 1.41
C ASN A 159 -16.75 9.90 2.69
N TYR A 160 -15.76 10.78 2.59
CA TYR A 160 -15.19 11.39 3.78
C TYR A 160 -16.27 12.08 4.61
N ASP A 161 -17.07 12.93 3.97
CA ASP A 161 -18.11 13.69 4.66
C ASP A 161 -19.03 12.81 5.50
N GLN A 162 -19.18 11.54 5.15
CA GLN A 162 -20.07 10.67 5.90
C GLN A 162 -19.32 9.71 6.83
N THR A 163 -18.02 9.54 6.65
CA THR A 163 -17.33 8.47 7.36
C THR A 163 -16.11 8.95 8.14
N GLY A 164 -15.47 10.02 7.68
CA GLY A 164 -14.18 10.39 8.21
C GLY A 164 -12.98 9.67 7.59
N THR A 165 -13.23 8.67 6.74
CA THR A 165 -12.18 8.05 5.94
C THR A 165 -12.12 8.75 4.58
N TYR A 166 -10.91 9.09 4.13
CA TYR A 166 -10.75 9.90 2.93
C TYR A 166 -9.68 9.30 2.04
N ILE A 167 -9.73 9.68 0.77
CA ILE A 167 -8.83 9.14 -0.23
C ILE A 167 -7.81 10.23 -0.56
N GLY A 168 -6.53 9.91 -0.36
CA GLY A 168 -5.47 10.89 -0.49
C GLY A 168 -4.94 10.99 -1.91
N GLY A 169 -5.16 9.96 -2.71
CA GLY A 169 -4.62 9.93 -4.05
C GLY A 169 -4.96 8.60 -4.71
N TYR A 170 -4.77 8.55 -6.02
CA TYR A 170 -4.96 7.26 -6.69
C TYR A 170 -4.13 7.19 -7.97
N PHE A 171 -3.99 5.97 -8.49
CA PHE A 171 -3.34 5.69 -9.76
C PHE A 171 -4.16 4.66 -10.51
N HIS A 172 -4.32 4.85 -11.82
CA HIS A 172 -5.05 3.88 -12.65
C HIS A 172 -4.23 3.49 -13.86
N PRO A 173 -3.81 2.23 -13.98
CA PRO A 173 -3.03 1.82 -15.15
C PRO A 173 -3.79 1.94 -16.48
N ARG A 174 -5.11 2.09 -16.46
CA ARG A 174 -5.79 2.34 -17.74
C ARG A 174 -5.27 3.57 -18.45
N ASP A 175 -4.71 4.55 -17.72
CA ASP A 175 -4.21 5.77 -18.37
C ASP A 175 -3.05 5.49 -19.32
N LEU A 176 -2.45 4.32 -19.23
CA LEU A 176 -1.32 3.92 -20.06
C LEU A 176 -1.74 3.16 -21.31
N TYR A 177 -3.03 2.98 -21.54
CA TYR A 177 -3.54 2.28 -22.71
C TYR A 177 -4.69 3.07 -23.32
N ASN A 178 -5.11 2.66 -24.52
CA ASN A 178 -6.14 3.40 -25.25
C ASN A 178 -7.51 2.76 -25.01
N VAL A 179 -8.08 3.05 -23.85
CA VAL A 179 -9.37 2.50 -23.42
C VAL A 179 -10.25 3.63 -22.90
N ARG A 180 -11.52 3.32 -22.67
CA ARG A 180 -12.45 4.32 -22.18
C ARG A 180 -12.06 4.83 -20.80
N GLY A 181 -12.03 6.14 -20.62
CA GLY A 181 -11.63 6.70 -19.35
C GLY A 181 -10.16 6.99 -19.21
N SER A 182 -9.33 6.51 -20.14
CA SER A 182 -7.91 6.80 -20.08
C SER A 182 -7.62 8.25 -20.47
N ASN A 183 -6.62 8.83 -19.82
CA ASN A 183 -6.10 10.13 -20.20
C ASN A 183 -4.80 10.04 -20.99
N HIS A 184 -4.42 8.83 -21.44
CA HIS A 184 -3.35 8.65 -22.42
C HIS A 184 -2.05 9.28 -21.95
N SER A 185 -1.67 9.01 -20.71
CA SER A 185 -0.44 9.62 -20.20
C SER A 185 -0.06 9.01 -18.86
N GLU A 186 1.17 9.30 -18.46
CA GLU A 186 1.60 9.12 -17.08
C GLU A 186 0.92 10.19 -16.23
N ILE A 187 0.02 9.78 -15.35
CA ILE A 187 -0.65 10.72 -14.47
C ILE A 187 -0.97 10.01 -13.18
N PHE A 188 -0.81 10.69 -12.06
CA PHE A 188 -1.48 10.26 -10.85
C PHE A 188 -2.23 11.43 -10.24
N TYR A 189 -3.11 11.10 -9.32
CA TYR A 189 -4.10 12.02 -8.81
C TYR A 189 -3.82 12.24 -7.33
N MET A 190 -3.93 13.49 -6.89
CA MET A 190 -3.60 13.91 -5.54
C MET A 190 -4.75 14.73 -4.98
N ASP A 191 -5.18 14.40 -3.77
CA ASP A 191 -6.34 15.03 -3.17
C ASP A 191 -5.96 16.31 -2.44
N THR A 192 -6.88 17.27 -2.44
CA THR A 192 -6.68 18.53 -1.72
C THR A 192 -7.36 18.48 -0.34
N TYR A 193 -8.69 18.49 -0.31
CA TYR A 193 -9.50 18.45 0.91
C TYR A 193 -10.09 17.05 1.11
N PRO A 194 -9.90 16.40 2.27
CA PRO A 194 -9.22 16.98 3.45
C PRO A 194 -7.80 16.50 3.66
N SER A 195 -7.16 15.93 2.63
CA SER A 195 -5.79 15.42 2.78
C SER A 195 -4.83 16.52 3.24
N MET A 196 -4.96 17.71 2.67
CA MET A 196 -4.10 18.83 3.02
C MET A 196 -4.58 19.56 4.27
N GLY A 197 -5.69 19.16 4.84
CA GLY A 197 -6.27 19.82 6.00
C GLY A 197 -7.78 19.82 5.92
N THR A 198 -8.41 20.07 7.07
CA THR A 198 -9.85 20.09 7.21
C THR A 198 -10.45 21.48 6.98
N ASP A 199 -9.62 22.47 6.63
CA ASP A 199 -10.09 23.83 6.36
C ASP A 199 -9.76 24.16 4.90
N ARG A 200 -10.78 24.21 4.05
CA ARG A 200 -10.54 24.40 2.62
C ARG A 200 -9.75 25.67 2.32
N GLN A 201 -9.83 26.68 3.18
CA GLN A 201 -9.13 27.93 2.92
C GLN A 201 -7.73 27.99 3.55
N HIS A 202 -7.31 26.97 4.29
CA HIS A 202 -5.98 26.94 4.89
C HIS A 202 -5.36 25.56 4.69
N LEU A 203 -5.27 25.12 3.44
CA LEU A 203 -4.69 23.83 3.10
C LEU A 203 -3.17 23.89 3.08
N ASN A 204 -2.53 22.86 3.60
CA ASN A 204 -1.07 22.78 3.66
C ASN A 204 -0.60 21.66 2.72
N GLU A 205 -0.02 22.05 1.58
CA GLU A 205 0.34 21.09 0.55
C GLU A 205 1.50 20.19 0.97
N SER A 206 2.34 20.61 1.91
CA SER A 206 3.42 19.75 2.38
C SER A 206 2.89 18.52 3.09
N GLN A 207 1.64 18.55 3.56
CA GLN A 207 1.02 17.41 4.20
C GLN A 207 0.94 16.19 3.29
N ILE A 208 0.95 16.37 1.97
CA ILE A 208 0.75 15.27 1.04
C ILE A 208 2.03 14.91 0.29
N TYR A 209 3.19 15.46 0.69
CA TYR A 209 4.41 15.21 -0.07
C TYR A 209 4.76 13.72 -0.07
N SER A 210 4.64 13.03 1.07
CA SER A 210 4.91 11.59 1.07
C SER A 210 3.93 10.84 0.18
N THR A 211 2.73 11.41 -0.04
CA THR A 211 1.78 10.75 -0.92
C THR A 211 2.23 10.82 -2.38
N LEU A 212 3.01 11.85 -2.74
CA LEU A 212 3.62 11.90 -4.06
C LEU A 212 4.51 10.68 -4.30
N ALA A 213 5.35 10.34 -3.32
CA ALA A 213 6.16 9.14 -3.41
C ALA A 213 5.29 7.89 -3.46
N HIS A 214 4.24 7.84 -2.63
CA HIS A 214 3.32 6.71 -2.65
C HIS A 214 2.75 6.47 -4.05
N GLN A 215 2.11 7.49 -4.63
CA GLN A 215 1.45 7.30 -5.92
C GLN A 215 2.46 7.07 -7.04
N TYR A 216 3.63 7.73 -6.96
CA TYR A 216 4.64 7.55 -8.00
C TYR A 216 5.18 6.14 -8.02
N GLN A 217 5.26 5.49 -6.85
CA GLN A 217 5.67 4.09 -6.79
C GLN A 217 4.71 3.20 -7.58
N HIS A 218 3.40 3.35 -7.34
CA HIS A 218 2.39 2.67 -8.15
C HIS A 218 2.66 2.84 -9.65
N MET A 219 3.04 4.05 -10.07
CA MET A 219 3.23 4.35 -11.49
C MET A 219 4.40 3.59 -12.08
N VAL A 220 5.57 3.68 -11.43
CA VAL A 220 6.74 2.97 -11.96
C VAL A 220 6.60 1.47 -11.75
N ASN A 221 5.85 1.05 -10.72
CA ASN A 221 5.55 -0.37 -10.57
C ASN A 221 4.83 -0.89 -11.80
N ALA A 222 3.79 -0.18 -12.23
CA ALA A 222 3.04 -0.56 -13.41
C ALA A 222 3.92 -0.58 -14.65
N ASN A 223 4.83 0.39 -14.77
CA ASN A 223 5.72 0.43 -15.93
C ASN A 223 6.65 -0.78 -15.96
N GLU A 224 7.36 -1.03 -14.86
CA GLU A 224 8.32 -2.13 -14.85
C GLU A 224 7.65 -3.45 -15.17
N ASN A 225 6.48 -3.69 -14.59
CA ASN A 225 5.84 -5.00 -14.71
C ASN A 225 4.95 -5.15 -15.93
N LEU A 226 4.35 -4.07 -16.43
CA LEU A 226 3.48 -4.21 -17.60
C LEU A 226 4.17 -3.85 -18.91
N PHE A 227 5.23 -3.06 -18.89
CA PHE A 227 5.86 -2.61 -20.13
C PHE A 227 7.26 -3.17 -20.31
N LYS A 228 8.06 -3.26 -19.25
CA LYS A 228 9.44 -3.64 -19.42
C LYS A 228 9.67 -5.15 -19.30
N GLU A 229 8.79 -5.87 -18.60
CA GLU A 229 8.88 -7.31 -18.47
C GLU A 229 7.90 -7.99 -19.42
N GLN A 230 8.29 -9.13 -19.97
CA GLN A 230 7.47 -9.72 -21.02
C GLN A 230 6.21 -10.37 -20.47
N SER A 231 6.23 -10.84 -19.23
CA SER A 231 5.06 -11.55 -18.70
C SER A 231 3.86 -10.63 -18.51
N GLN A 232 4.07 -9.33 -18.30
CA GLN A 232 2.99 -8.36 -18.15
C GLN A 232 2.04 -8.73 -17.00
N GLU A 233 2.61 -9.22 -15.91
CA GLU A 233 1.86 -9.61 -14.73
C GLU A 233 1.87 -8.49 -13.69
N GLU A 234 0.69 -7.98 -13.36
CA GLU A 234 0.57 -7.04 -12.25
C GLU A 234 1.01 -7.70 -10.94
N MET A 235 1.68 -6.91 -10.11
CA MET A 235 1.88 -7.28 -8.72
C MET A 235 0.55 -7.29 -7.98
N ASP A 236 0.38 -8.24 -7.07
CA ASP A 236 -0.81 -8.28 -6.24
C ASP A 236 -0.96 -6.95 -5.49
N PRO A 237 -2.19 -6.46 -5.33
CA PRO A 237 -2.40 -5.17 -4.66
C PRO A 237 -1.71 -5.06 -3.30
N TRP A 238 -1.79 -6.10 -2.47
CA TRP A 238 -1.29 -5.99 -1.10
C TRP A 238 0.21 -5.67 -1.08
N LEU A 239 0.98 -6.20 -2.03
CA LEU A 239 2.41 -5.91 -2.04
C LEU A 239 2.74 -4.64 -2.80
N ASN A 240 1.97 -4.32 -3.84
CA ASN A 240 2.09 -3.01 -4.48
C ASN A 240 1.84 -1.90 -3.47
N GLU A 241 0.75 -2.01 -2.69
CA GLU A 241 0.47 -1.04 -1.64
C GLU A 241 1.58 -1.03 -0.56
N ALA A 242 2.12 -2.20 -0.23
CA ALA A 242 3.20 -2.23 0.76
C ALA A 242 4.42 -1.45 0.28
N LEU A 243 4.78 -1.61 -1.00
CA LEU A 243 5.94 -0.92 -1.55
C LEU A 243 5.72 0.59 -1.59
N SER A 244 4.48 1.03 -1.84
CA SER A 244 4.19 2.45 -1.82
C SER A 244 4.41 3.05 -0.44
N MET A 245 4.12 2.28 0.60
CA MET A 245 4.28 2.79 1.94
C MET A 245 5.72 2.66 2.43
N ALA A 246 6.47 1.68 1.90
CA ALA A 246 7.91 1.70 2.08
C ALA A 246 8.50 3.00 1.55
N SER A 247 7.99 3.49 0.41
CA SER A 247 8.54 4.70 -0.18
C SER A 247 8.21 5.93 0.64
N GLU A 248 7.05 5.96 1.29
CA GLU A 248 6.71 7.07 2.17
C GLU A 248 7.68 7.15 3.32
N GLN A 249 7.94 6.01 3.99
CA GLN A 249 8.89 6.01 5.10
C GLN A 249 10.28 6.46 4.64
N MET A 250 10.72 5.98 3.47
CA MET A 250 12.01 6.39 2.92
C MET A 250 12.05 7.89 2.64
N TYR A 251 10.95 8.45 2.12
CA TYR A 251 10.89 9.88 1.89
C TYR A 251 10.94 10.65 3.20
N LEU A 252 10.23 10.16 4.22
CA LEU A 252 10.12 10.86 5.49
C LEU A 252 11.29 10.56 6.42
N ASN A 253 12.05 9.51 6.13
CA ASN A 253 13.05 8.95 7.05
C ASN A 253 12.48 8.90 8.46
N ALA A 254 11.28 8.34 8.56
CA ALA A 254 10.55 8.20 9.81
C ALA A 254 9.46 7.14 9.62
N PRO A 255 9.10 6.42 10.68
CA PRO A 255 8.04 5.41 10.54
C PRO A 255 6.69 6.06 10.28
N LEU A 256 5.80 5.29 9.68
CA LEU A 256 4.42 5.74 9.45
C LEU A 256 3.61 5.47 10.71
N ASN A 257 3.74 6.38 11.68
CA ASN A 257 3.17 6.15 13.00
C ASN A 257 1.64 6.06 12.98
N SER A 258 1.00 6.71 12.01
CA SER A 258 -0.46 6.59 11.93
C SER A 258 -0.88 5.17 11.52
N ARG A 259 -0.13 4.55 10.64
CA ARG A 259 -0.46 3.16 10.30
C ARG A 259 -0.24 2.22 11.48
N ILE A 260 0.77 2.51 12.31
CA ILE A 260 0.97 1.71 13.52
C ILE A 260 -0.15 1.99 14.52
N ASP A 261 -0.46 3.27 14.72
CA ASP A 261 -1.60 3.65 15.55
C ASP A 261 -2.85 2.92 15.13
N TYR A 262 -3.14 2.90 13.82
CA TYR A 262 -4.33 2.20 13.33
C TYR A 262 -4.23 0.70 13.61
N TYR A 263 -3.05 0.10 13.40
CA TYR A 263 -2.89 -1.31 13.70
C TYR A 263 -3.31 -1.62 15.13
N ASN A 264 -2.85 -0.79 16.08
CA ASN A 264 -3.05 -1.08 17.50
C ASN A 264 -4.52 -1.06 17.91
N ASN A 265 -5.36 -0.35 17.17
CA ASN A 265 -6.76 -0.18 17.55
C ASN A 265 -7.73 -0.91 16.63
N SER A 266 -7.23 -1.67 15.66
CA SER A 266 -8.06 -2.28 14.64
C SER A 266 -8.66 -3.59 15.16
N LYS A 267 -9.98 -3.62 15.32
CA LYS A 267 -10.64 -4.84 15.74
C LYS A 267 -10.67 -5.88 14.62
N SER A 268 -10.72 -5.45 13.36
CA SER A 268 -10.69 -6.41 12.26
C SER A 268 -9.37 -7.17 12.24
N ILE A 269 -8.26 -6.47 12.47
CA ILE A 269 -6.96 -7.14 12.52
C ILE A 269 -6.91 -8.11 13.69
N ALA A 270 -7.35 -7.66 14.88
CA ALA A 270 -7.37 -8.53 16.06
C ALA A 270 -8.12 -9.82 15.80
N TYR A 271 -9.16 -9.77 14.95
CA TYR A 271 -10.02 -10.91 14.68
C TYR A 271 -9.69 -11.59 13.35
N GLY A 272 -8.52 -11.32 12.79
CA GLY A 272 -7.98 -12.15 11.72
C GLY A 272 -7.97 -11.57 10.33
N HIS A 273 -7.84 -10.24 10.21
CA HIS A 273 -7.81 -9.62 8.88
C HIS A 273 -6.65 -10.18 8.05
N SER A 274 -6.89 -10.35 6.74
CA SER A 274 -5.92 -10.97 5.86
C SER A 274 -4.82 -10.00 5.43
N LEU A 275 -3.56 -10.47 5.47
CA LEU A 275 -2.45 -9.73 4.92
C LEU A 275 -2.50 -9.65 3.39
N ILE A 276 -2.96 -10.70 2.72
CA ILE A 276 -2.82 -10.80 1.27
C ILE A 276 -4.13 -10.62 0.50
N ARG A 277 -5.28 -10.80 1.13
CA ARG A 277 -6.56 -10.53 0.47
C ARG A 277 -6.99 -9.11 0.79
N TRP A 278 -7.01 -8.23 -0.22
CA TRP A 278 -7.37 -6.83 -0.07
C TRP A 278 -8.88 -6.70 0.05
N ASP A 279 -9.35 -6.27 1.21
CA ASP A 279 -10.77 -6.12 1.54
C ASP A 279 -11.30 -4.83 0.91
N GLU A 280 -11.60 -4.92 -0.39
CA GLU A 280 -11.94 -3.71 -1.16
C GLU A 280 -13.19 -3.04 -0.61
N GLN A 281 -14.21 -3.82 -0.26
CA GLN A 281 -15.47 -3.26 0.21
C GLN A 281 -15.52 -3.13 1.73
N GLY A 282 -14.55 -3.68 2.45
CA GLY A 282 -14.53 -3.61 3.91
C GLY A 282 -13.51 -2.65 4.53
N ASP A 283 -12.76 -3.12 5.52
CA ASP A 283 -11.85 -2.25 6.27
C ASP A 283 -10.49 -2.22 5.58
N THR A 284 -10.42 -1.44 4.50
CA THR A 284 -9.17 -1.35 3.75
C THR A 284 -8.03 -0.79 4.61
N LEU A 285 -8.35 0.05 5.59
CA LEU A 285 -7.30 0.66 6.42
C LEU A 285 -6.48 -0.41 7.14
N SER A 286 -7.13 -1.50 7.56
CA SER A 286 -6.40 -2.62 8.16
C SER A 286 -5.45 -3.29 7.17
N ASN A 287 -5.80 -3.29 5.88
CA ASN A 287 -4.90 -3.80 4.87
C ASN A 287 -3.68 -2.88 4.71
N PHE A 288 -3.90 -1.56 4.76
CA PHE A 288 -2.76 -0.65 4.70
C PHE A 288 -1.83 -0.85 5.88
N SER A 289 -2.38 -1.06 7.09
CA SER A 289 -1.53 -1.26 8.26
C SER A 289 -0.74 -2.56 8.15
N LEU A 290 -1.38 -3.66 7.77
CA LEU A 290 -0.67 -4.93 7.64
C LEU A 290 0.36 -4.88 6.51
N SER A 291 0.01 -4.27 5.37
CA SER A 291 0.97 -4.20 4.27
C SER A 291 2.19 -3.37 4.65
N TYR A 292 1.99 -2.29 5.40
CA TYR A 292 3.10 -1.45 5.83
C TYR A 292 4.05 -2.21 6.75
N LEU A 293 3.52 -2.82 7.81
CA LEU A 293 4.40 -3.53 8.74
C LEU A 293 5.13 -4.70 8.06
N PHE A 294 4.48 -5.36 7.09
CA PHE A 294 5.13 -6.47 6.40
C PHE A 294 6.36 -6.02 5.62
N ILE A 295 6.22 -4.97 4.81
CA ILE A 295 7.35 -4.51 4.02
C ILE A 295 8.46 -3.99 4.92
N GLU A 296 8.13 -3.45 6.09
CA GLU A 296 9.19 -3.05 7.02
C GLU A 296 9.81 -4.27 7.69
N TYR A 297 9.01 -5.30 7.94
CA TYR A 297 9.57 -6.55 8.43
C TYR A 297 10.53 -7.17 7.42
N LEU A 298 10.16 -7.15 6.13
CA LEU A 298 11.07 -7.66 5.11
C LEU A 298 12.33 -6.81 5.01
N LYS A 299 12.20 -5.50 5.21
CA LYS A 299 13.36 -4.61 5.17
C LYS A 299 14.38 -4.99 6.23
N LYS A 300 13.92 -5.16 7.49
CA LYS A 300 14.85 -5.49 8.57
C LYS A 300 15.40 -6.90 8.45
N GLN A 301 14.62 -7.83 7.89
CA GLN A 301 15.06 -9.22 7.76
C GLN A 301 15.98 -9.45 6.57
N SER A 302 16.00 -8.54 5.60
CA SER A 302 16.87 -8.65 4.43
C SER A 302 18.23 -8.06 4.76
N ASP A 303 19.29 -8.76 4.30
CA ASP A 303 20.65 -8.28 4.52
C ASP A 303 21.00 -7.04 3.71
N ASN A 304 20.22 -6.73 2.66
CA ASN A 304 20.43 -5.53 1.86
C ASN A 304 19.40 -4.45 2.18
N GLY A 305 18.59 -4.65 3.22
CA GLY A 305 17.69 -3.61 3.70
C GLY A 305 16.78 -3.07 2.60
N GLU A 306 16.74 -1.73 2.48
CA GLU A 306 15.87 -1.07 1.51
C GLU A 306 16.16 -1.49 0.06
N GLN A 307 17.35 -2.06 -0.21
CA GLN A 307 17.68 -2.46 -1.58
C GLN A 307 16.87 -3.65 -2.05
N VAL A 308 16.28 -4.41 -1.14
CA VAL A 308 15.37 -5.48 -1.53
C VAL A 308 14.14 -4.95 -2.27
N PHE A 309 13.78 -3.67 -2.10
CA PHE A 309 12.55 -3.16 -2.70
C PHE A 309 12.64 -3.21 -4.22
N LYS A 310 13.77 -2.80 -4.78
CA LYS A 310 13.85 -2.77 -6.25
C LYS A 310 14.00 -4.18 -6.81
N GLU A 311 14.58 -5.10 -6.05
CA GLU A 311 14.64 -6.49 -6.49
C GLU A 311 13.27 -7.13 -6.56
N LEU A 312 12.35 -6.75 -5.66
CA LEU A 312 11.01 -7.31 -5.75
C LEU A 312 10.32 -6.87 -7.03
N ILE A 313 10.48 -5.61 -7.41
CA ILE A 313 9.90 -5.11 -8.65
C ILE A 313 10.59 -5.74 -9.87
N ASN A 314 11.92 -5.78 -9.85
CA ASN A 314 12.68 -6.26 -10.99
C ASN A 314 12.52 -7.76 -11.23
N ASP A 315 12.07 -8.51 -10.25
CA ASP A 315 11.91 -9.95 -10.45
C ASP A 315 10.84 -10.20 -11.52
N PRO A 316 11.09 -11.11 -12.46
CA PRO A 316 10.14 -11.31 -13.57
C PRO A 316 8.97 -12.22 -13.24
N GLY A 317 9.02 -12.97 -12.13
CA GLY A 317 7.94 -13.86 -11.76
C GLY A 317 6.83 -13.15 -11.01
N ASP A 318 5.77 -13.91 -10.70
CA ASP A 318 4.61 -13.34 -10.04
C ASP A 318 4.95 -12.98 -8.59
N THR A 319 3.94 -12.47 -7.88
CA THR A 319 4.18 -11.78 -6.61
C THR A 319 4.78 -12.71 -5.58
N ASN A 320 4.23 -13.93 -5.47
CA ASN A 320 4.76 -14.87 -4.48
C ASN A 320 6.15 -15.36 -4.87
N THR A 321 6.39 -15.54 -6.17
CA THR A 321 7.72 -15.98 -6.61
C THR A 321 8.77 -14.92 -6.31
N ALA A 322 8.43 -13.64 -6.53
CA ALA A 322 9.40 -12.57 -6.23
C ALA A 322 9.74 -12.53 -4.74
N LEU A 323 8.72 -12.59 -3.88
CA LEU A 323 8.97 -12.63 -2.45
C LEU A 323 9.81 -13.83 -2.04
N GLN A 324 9.52 -15.01 -2.59
CA GLN A 324 10.29 -16.20 -2.22
C GLN A 324 11.74 -16.08 -2.67
N ASN A 325 11.97 -15.48 -3.85
CA ASN A 325 13.34 -15.26 -4.30
C ASN A 325 14.05 -14.29 -3.39
N ALA A 326 13.35 -13.24 -2.96
CA ALA A 326 13.98 -12.25 -2.09
C ALA A 326 14.36 -12.88 -0.75
N ILE A 327 13.48 -13.72 -0.20
CA ILE A 327 13.77 -14.37 1.08
C ILE A 327 14.97 -15.29 0.95
N HIS A 328 15.07 -16.00 -0.18
CA HIS A 328 16.16 -16.97 -0.30
C HIS A 328 17.49 -16.29 -0.49
N GLU A 329 17.50 -15.15 -1.19
CA GLU A 329 18.74 -14.47 -1.50
C GLU A 329 19.21 -13.59 -0.35
N HIS A 330 18.28 -13.02 0.41
CA HIS A 330 18.63 -11.97 1.37
C HIS A 330 18.25 -12.25 2.81
N VAL A 331 17.50 -13.32 3.08
CA VAL A 331 17.03 -13.57 4.43
C VAL A 331 17.49 -14.93 4.93
N ASP A 332 17.15 -16.00 4.18
CA ASP A 332 17.33 -17.39 4.56
C ASP A 332 17.09 -18.34 3.38
N PRO A 333 18.14 -19.03 2.87
CA PRO A 333 17.94 -19.85 1.67
C PRO A 333 17.02 -21.05 1.87
N ASN A 334 16.72 -21.46 3.11
CA ASN A 334 15.86 -22.62 3.36
C ASN A 334 14.42 -22.27 3.73
N LEU A 335 14.12 -20.97 3.89
CA LEU A 335 12.87 -20.52 4.47
C LEU A 335 11.82 -20.28 3.38
N SER A 336 10.63 -20.88 3.54
CA SER A 336 9.56 -20.75 2.56
C SER A 336 8.74 -19.50 2.84
N LEU A 337 8.11 -18.97 1.79
CA LEU A 337 7.33 -17.74 1.92
C LEU A 337 6.27 -17.89 3.01
N SER A 338 5.60 -19.05 3.07
CA SER A 338 4.47 -19.20 3.97
C SER A 338 4.90 -19.13 5.43
N LYS A 339 6.10 -19.64 5.74
CA LYS A 339 6.56 -19.63 7.12
C LYS A 339 7.14 -18.28 7.50
N PHE A 340 7.75 -17.59 6.52
CA PHE A 340 8.15 -16.21 6.72
C PHE A 340 6.95 -15.34 7.11
N MET A 341 5.80 -15.61 6.52
CA MET A 341 4.60 -14.83 6.84
C MET A 341 4.11 -15.11 8.25
N THR A 342 4.17 -16.39 8.69
CA THR A 342 3.88 -16.71 10.08
C THR A 342 4.90 -16.04 11.01
N ASN A 343 6.19 -16.05 10.64
CA ASN A 343 7.19 -15.41 11.46
C ASN A 343 6.94 -13.91 11.57
N PHE A 344 6.42 -13.31 10.50
CA PHE A 344 5.96 -11.92 10.53
C PHE A 344 4.97 -11.68 11.68
N ARG A 345 3.94 -12.55 11.79
CA ARG A 345 2.94 -12.34 12.83
C ARG A 345 3.53 -12.53 14.23
N ILE A 346 4.42 -13.50 14.39
CA ILE A 346 5.04 -13.69 15.70
C ILE A 346 5.97 -12.52 16.02
N ALA A 347 6.67 -12.02 15.00
CA ALA A 347 7.55 -10.87 15.20
C ALA A 347 6.79 -9.65 15.71
N LEU A 348 5.57 -9.45 15.22
CA LEU A 348 4.75 -8.35 15.71
C LEU A 348 4.50 -8.47 17.20
N VAL A 349 4.37 -9.70 17.72
CA VAL A 349 4.14 -9.91 19.14
C VAL A 349 5.45 -9.77 19.92
N LYS A 350 6.49 -10.49 19.51
CA LYS A 350 7.70 -10.62 20.33
C LYS A 350 8.68 -9.47 20.13
N LYS A 351 8.83 -8.98 18.90
CA LYS A 351 9.76 -7.89 18.61
C LYS A 351 11.17 -8.20 19.13
N GLU A 352 11.61 -9.43 18.92
CA GLU A 352 12.94 -9.82 19.40
C GLU A 352 14.01 -9.00 18.70
N ASN A 353 15.08 -8.72 19.44
CA ASN A 353 16.14 -7.90 18.95
C ASN A 353 16.91 -8.48 17.80
N SER A 354 16.77 -9.76 17.59
CA SER A 354 17.41 -10.46 16.51
C SER A 354 16.62 -11.69 16.07
N GLY A 355 16.91 -12.22 14.91
CA GLY A 355 16.21 -13.39 14.43
C GLY A 355 14.86 -13.13 13.80
N PRO A 356 14.12 -14.18 13.44
CA PRO A 356 12.88 -13.98 12.69
C PRO A 356 11.74 -13.40 13.50
N TYR A 357 11.78 -13.49 14.84
CA TYR A 357 10.66 -13.00 15.64
C TYR A 357 10.83 -11.53 16.07
N GLY A 358 11.39 -10.69 15.22
CA GLY A 358 11.47 -9.29 15.55
C GLY A 358 11.76 -8.44 14.33
N PHE A 359 12.12 -7.19 14.62
CA PHE A 359 12.51 -6.21 13.60
C PHE A 359 13.96 -5.77 13.83
N LYS A 360 14.81 -6.73 14.19
CA LYS A 360 16.21 -6.46 14.55
C LYS A 360 16.32 -5.34 15.61
N GLY A 361 15.32 -5.25 16.49
CA GLY A 361 15.35 -4.27 17.54
C GLY A 361 15.23 -2.85 17.07
N ASP A 362 14.77 -2.62 15.84
CA ASP A 362 14.59 -1.27 15.35
C ASP A 362 13.57 -0.51 16.18
N ALA A 363 13.96 0.64 16.71
CA ALA A 363 13.09 1.35 17.64
C ALA A 363 11.81 1.82 16.96
N ASP A 364 11.83 1.99 15.64
CA ASP A 364 10.63 2.45 14.92
C ASP A 364 9.40 1.61 15.26
N PHE A 365 9.58 0.34 15.59
CA PHE A 365 8.48 -0.60 15.72
C PHE A 365 8.25 -1.08 17.14
N ASN A 366 8.78 -0.36 18.13
CA ASN A 366 8.58 -0.78 19.50
C ASN A 366 7.17 -0.50 20.02
N ASN A 367 6.38 0.34 19.34
CA ASN A 367 5.02 0.62 19.78
C ASN A 367 3.97 -0.17 18.99
N VAL A 368 4.36 -1.28 18.39
CA VAL A 368 3.42 -2.17 17.74
C VAL A 368 2.96 -3.18 18.77
N HIS A 369 1.66 -3.16 19.09
CA HIS A 369 1.10 -3.99 20.15
C HIS A 369 -0.12 -4.79 19.66
N PRO A 370 0.08 -6.04 19.23
CA PRO A 370 -1.08 -6.86 18.83
C PRO A 370 -2.01 -7.12 20.00
N GLN A 371 -3.30 -7.27 19.67
CA GLN A 371 -4.36 -7.38 20.66
C GLN A 371 -4.82 -8.81 20.79
N PRO A 372 -4.70 -9.44 21.97
CA PRO A 372 -5.21 -10.80 22.15
C PRO A 372 -6.73 -10.83 22.29
N ILE A 373 -7.33 -11.85 21.69
CA ILE A 373 -8.77 -12.03 21.75
C ILE A 373 -9.09 -13.28 22.55
N SER A 374 -10.34 -13.34 23.03
CA SER A 374 -10.81 -14.38 23.92
C SER A 374 -11.30 -15.62 23.18
N GLN A 375 -11.63 -15.52 21.89
CA GLN A 375 -12.15 -16.68 21.17
C GLN A 375 -11.66 -16.65 19.74
N ILE A 376 -11.33 -17.82 19.22
CA ILE A 376 -10.81 -17.93 17.85
C ILE A 376 -11.98 -17.84 16.87
N PRO A 377 -11.87 -17.03 15.81
CA PRO A 377 -12.86 -17.10 14.74
C PRO A 377 -13.00 -18.50 14.20
N GLU A 378 -14.24 -18.84 13.81
CA GLU A 378 -14.51 -20.15 13.22
C GLU A 378 -13.59 -20.46 12.05
N THR A 379 -13.33 -19.46 11.20
CA THR A 379 -12.55 -19.61 9.98
C THR A 379 -11.58 -18.44 9.85
N LEU A 380 -10.52 -18.62 9.07
CA LEU A 380 -9.53 -17.58 8.86
C LEU A 380 -9.18 -17.52 7.39
N ALA A 381 -9.22 -16.31 6.82
CA ALA A 381 -8.83 -16.12 5.43
C ALA A 381 -7.34 -16.44 5.25
N PRO A 382 -6.90 -16.68 4.02
CA PRO A 382 -5.47 -16.88 3.78
C PRO A 382 -4.66 -15.74 4.39
N GLN A 383 -3.64 -16.11 5.16
CA GLN A 383 -2.81 -15.16 5.90
C GLN A 383 -3.65 -14.22 6.77
N GLY A 384 -4.78 -14.73 7.26
CA GLY A 384 -5.45 -14.14 8.41
C GLY A 384 -4.93 -14.78 9.70
N SER A 385 -4.73 -13.94 10.71
CA SER A 385 -4.05 -14.37 11.92
C SER A 385 -4.69 -13.74 13.14
N VAL A 386 -4.69 -14.47 14.26
CA VAL A 386 -5.15 -13.94 15.54
C VAL A 386 -4.20 -14.40 16.65
N LEU A 387 -4.30 -13.71 17.79
CA LEU A 387 -3.48 -13.95 18.97
C LEU A 387 -4.37 -14.18 20.18
N PHE A 388 -4.13 -15.26 20.95
CA PHE A 388 -4.92 -15.50 22.15
C PHE A 388 -4.06 -16.09 23.26
N GLN A 389 -4.57 -15.99 24.50
CA GLN A 389 -3.88 -16.52 25.67
C GLN A 389 -4.68 -17.65 26.30
N THR A 390 -3.98 -18.50 27.04
CA THR A 390 -4.55 -19.72 27.61
C THR A 390 -4.34 -19.78 29.11
N ASN A 391 -5.38 -20.18 29.84
CA ASN A 391 -5.30 -20.45 31.27
C ASN A 391 -5.04 -21.92 31.57
N GLN A 392 -4.99 -22.77 30.54
CA GLN A 392 -4.72 -24.20 30.67
C GLN A 392 -3.56 -24.55 29.74
N ASP A 393 -3.21 -25.83 29.72
CA ASP A 393 -2.35 -26.35 28.66
C ASP A 393 -3.21 -26.82 27.49
N PHE A 394 -3.95 -25.84 26.95
CA PHE A 394 -4.81 -25.93 25.77
C PHE A 394 -4.24 -26.86 24.71
N ASN A 395 -5.10 -27.60 24.02
CA ASN A 395 -4.66 -28.54 23.01
C ASN A 395 -5.15 -28.08 21.64
N VAL A 396 -4.25 -28.11 20.66
CA VAL A 396 -4.56 -27.68 19.29
C VAL A 396 -5.60 -28.62 18.71
N PRO A 397 -6.68 -28.12 18.13
CA PRO A 397 -7.78 -29.01 17.70
C PRO A 397 -7.31 -29.95 16.60
N ASN A 398 -7.83 -31.18 16.65
CA ASN A 398 -7.40 -32.21 15.73
C ASN A 398 -8.09 -32.13 14.38
N ASP A 399 -9.24 -31.44 14.31
CA ASP A 399 -10.00 -31.32 13.07
C ASP A 399 -9.78 -29.96 12.40
N LYS A 400 -8.74 -29.22 12.80
CA LYS A 400 -8.45 -27.96 12.14
C LYS A 400 -8.01 -28.19 10.70
N ASP A 401 -8.25 -27.19 9.86
CA ASP A 401 -7.72 -27.22 8.50
C ASP A 401 -6.20 -27.31 8.53
N GLU A 402 -5.65 -28.14 7.65
CA GLU A 402 -4.20 -28.33 7.62
C GLU A 402 -3.45 -27.04 7.34
N ASP A 403 -4.11 -26.04 6.74
CA ASP A 403 -3.50 -24.75 6.48
C ASP A 403 -3.40 -23.89 7.74
N ILE A 404 -4.08 -24.26 8.82
CA ILE A 404 -4.03 -23.50 10.05
C ILE A 404 -2.85 -23.98 10.89
N SER A 405 -1.99 -23.05 11.28
CA SER A 405 -0.89 -23.35 12.19
C SER A 405 -1.15 -22.68 13.52
N TYR A 406 -1.10 -23.47 14.61
CA TYR A 406 -1.07 -22.95 15.98
C TYR A 406 0.38 -22.87 16.44
N ASN A 407 0.81 -21.68 16.85
CA ASN A 407 2.21 -21.43 17.18
C ASN A 407 2.31 -20.93 18.62
N LYS A 408 2.72 -21.80 19.54
CA LYS A 408 3.05 -21.39 20.91
C LYS A 408 4.11 -20.30 20.91
N VAL A 409 3.91 -19.28 21.74
CA VAL A 409 4.85 -18.16 21.81
C VAL A 409 5.31 -17.95 23.26
N ASN A 410 4.35 -17.84 24.18
CA ASN A 410 4.69 -17.62 25.59
C ASN A 410 3.82 -18.47 26.51
#